data_2E0N
#
_entry.id   2E0N
#
_cell.length_a   87.822
_cell.length_b   87.822
_cell.length_c   123.562
_cell.angle_alpha   90.00
_cell.angle_beta   90.00
_cell.angle_gamma   90.00
#
_symmetry.space_group_name_H-M   'P 43 21 2'
#
loop_
_entity.id
_entity.type
_entity.pdbx_description
1 polymer 'Precorrin-2 C20-methyltransferase'
2 non-polymer S-ADENOSYL-L-HOMOCYSTEINE
3 water water
#
_entity_poly.entity_id   1
_entity_poly.type   'polypeptide(L)'
_entity_poly.pdbx_seq_one_letter_code
;MNNQGSIISVSLGPGDPGLITVKALSQLREADVIYYPGTVSASGAVTSVALDILKEFDLDPSKLRGMLVPMSRSRGAAEA
SYAANYASMAEEVQAGRRVAVVSVGDGGFYSTASAIIERARRDGLDCSMTPGIPAFIAAGSAAGMPLALQSDSVLVLAQI
DEIGELERALVTHSTVVVMKLSTVRDELVSFLERYAKPFLYAEKVGMAGEFITMEVDALRSRAIPYFSLLVCSPHCRQST
LSPFASKLAAALEHHHHHH
;
_entity_poly.pdbx_strand_id   A,B
#
# COMPACT_ATOMS: atom_id res chain seq x y z
N GLY A 5 25.52 14.29 7.66
CA GLY A 5 24.05 14.34 7.41
C GLY A 5 23.54 13.12 6.67
N SER A 6 22.25 13.15 6.30
CA SER A 6 21.57 11.98 5.73
C SER A 6 20.49 12.36 4.73
N ILE A 7 20.00 11.34 4.04
CA ILE A 7 18.97 11.57 3.04
C ILE A 7 17.89 10.51 3.19
N ILE A 8 16.63 10.93 3.17
CA ILE A 8 15.52 10.00 3.45
C ILE A 8 14.51 10.17 2.33
N SER A 9 14.12 9.07 1.73
CA SER A 9 13.00 9.07 0.80
C SER A 9 11.72 8.99 1.68
N VAL A 10 10.98 10.10 1.79
CA VAL A 10 9.81 10.16 2.64
C VAL A 10 8.57 10.10 1.76
N SER A 11 7.79 9.03 1.93
CA SER A 11 6.52 8.90 1.23
C SER A 11 5.46 9.79 1.87
N LEU A 12 4.69 10.45 1.03
CA LEU A 12 3.69 11.43 1.57
C LEU A 12 2.30 10.82 1.76
N GLY A 13 2.11 9.63 1.21
CA GLY A 13 0.76 9.09 0.94
C GLY A 13 0.13 9.81 -0.26
N PRO A 14 -1.07 9.40 -0.66
CA PRO A 14 -1.53 9.76 -1.99
C PRO A 14 -2.27 11.09 -2.19
N GLY A 15 -2.60 11.81 -1.11
CA GLY A 15 -3.21 13.13 -1.31
C GLY A 15 -3.81 13.75 -0.06
N ASP A 16 -4.55 12.96 0.70
CA ASP A 16 -5.18 13.46 1.92
C ASP A 16 -4.04 13.61 2.90
N PRO A 17 -3.83 14.83 3.43
CA PRO A 17 -2.73 14.97 4.38
C PRO A 17 -2.85 14.05 5.61
N GLY A 18 -4.06 13.67 6.00
CA GLY A 18 -4.28 12.78 7.16
C GLY A 18 -3.76 11.36 6.88
N LEU A 19 -3.43 11.06 5.63
CA LEU A 19 -2.92 9.71 5.25
C LEU A 19 -1.39 9.64 5.18
N ILE A 20 -0.71 10.70 5.60
CA ILE A 20 0.74 10.59 5.82
C ILE A 20 0.94 9.76 7.08
N THR A 21 2.03 8.98 7.16
CA THR A 21 2.30 8.23 8.37
C THR A 21 2.84 9.18 9.42
N VAL A 22 2.62 8.82 10.69
CA VAL A 22 3.15 9.57 11.83
C VAL A 22 4.67 9.72 11.69
N LYS A 23 5.32 8.63 11.31
CA LYS A 23 6.78 8.63 11.09
C LYS A 23 7.18 9.58 9.99
N ALA A 24 6.50 9.55 8.84
CA ALA A 24 6.91 10.39 7.71
C ALA A 24 6.73 11.87 8.06
N LEU A 25 5.65 12.18 8.77
CA LEU A 25 5.43 13.55 9.24
C LEU A 25 6.56 14.03 10.17
N SER A 26 6.88 13.20 11.15
CA SER A 26 8.01 13.44 12.07
C SER A 26 9.31 13.77 11.29
N GLN A 27 9.61 12.98 10.25
CA GLN A 27 10.82 13.16 9.45
C GLN A 27 10.83 14.44 8.62
N LEU A 28 9.68 14.79 8.05
CA LEU A 28 9.58 16.08 7.34
C LEU A 28 9.79 17.27 8.26
N ARG A 29 9.19 17.22 9.45
CA ARG A 29 9.33 18.31 10.42
C ARG A 29 10.75 18.48 10.93
N GLU A 30 11.50 17.39 10.93
CA GLU A 30 12.91 17.44 11.34
C GLU A 30 13.88 17.70 10.20
N ALA A 31 13.44 17.57 8.95
CA ALA A 31 14.32 17.79 7.80
C ALA A 31 14.81 19.26 7.73
N ASP A 32 16.05 19.42 7.24
CA ASP A 32 16.63 20.75 7.07
C ASP A 32 16.17 21.23 5.69
N VAL A 33 16.05 20.29 4.77
CA VAL A 33 15.72 20.58 3.39
C VAL A 33 14.79 19.50 2.83
N ILE A 34 13.73 19.91 2.13
CA ILE A 34 12.77 18.96 1.58
C ILE A 34 12.64 19.19 0.09
N TYR A 35 13.09 18.23 -0.71
CA TYR A 35 12.93 18.25 -2.18
C TYR A 35 11.63 17.58 -2.61
N TYR A 36 10.88 18.24 -3.50
CA TYR A 36 9.58 17.70 -3.96
C TYR A 36 9.46 17.75 -5.47
N PRO A 37 8.76 16.77 -6.07
CA PRO A 37 8.53 16.71 -7.52
C PRO A 37 7.42 17.63 -8.02
N GLY A 38 7.57 18.08 -9.27
CA GLY A 38 6.55 18.85 -9.94
C GLY A 38 6.74 18.85 -11.45
N THR A 39 5.74 19.30 -12.19
CA THR A 39 5.90 19.34 -13.63
C THR A 39 5.64 20.72 -14.08
N VAL A 40 6.27 21.06 -15.21
CA VAL A 40 6.06 22.33 -15.90
C VAL A 40 5.69 22.01 -17.35
N SER A 41 4.58 22.56 -17.81
CA SER A 41 4.10 22.22 -19.14
C SER A 41 4.79 23.03 -20.24
N ALA A 42 4.32 22.86 -21.48
CA ALA A 42 4.90 23.51 -22.64
C ALA A 42 4.68 25.02 -22.56
N SER A 43 3.70 25.43 -21.74
CA SER A 43 3.33 26.83 -21.53
C SER A 43 4.02 27.52 -20.34
N GLY A 44 4.56 26.72 -19.42
CA GLY A 44 5.24 27.23 -18.22
C GLY A 44 4.43 27.20 -16.92
N ALA A 45 3.26 26.55 -16.98
CA ALA A 45 2.40 26.40 -15.80
C ALA A 45 2.96 25.26 -14.95
N VAL A 46 3.11 25.48 -13.64
CA VAL A 46 3.58 24.40 -12.77
C VAL A 46 2.44 23.61 -12.13
N THR A 47 2.62 22.30 -12.07
CA THR A 47 1.72 21.41 -11.38
C THR A 47 2.58 20.66 -10.38
N SER A 48 2.20 20.74 -9.10
CA SER A 48 2.83 19.93 -8.07
C SER A 48 1.85 19.48 -6.97
N VAL A 49 1.30 18.29 -7.17
CA VAL A 49 0.48 17.68 -6.13
C VAL A 49 1.27 17.33 -4.84
N ALA A 50 2.56 17.01 -4.94
CA ALA A 50 3.40 16.80 -3.73
C ALA A 50 3.45 18.08 -2.89
N LEU A 51 3.63 19.23 -3.56
CA LEU A 51 3.68 20.50 -2.80
C LEU A 51 2.31 20.83 -2.22
N ASP A 52 1.25 20.52 -2.97
CA ASP A 52 -0.12 20.65 -2.45
C ASP A 52 -0.32 19.88 -1.16
N ILE A 53 0.21 18.66 -1.09
CA ILE A 53 0.19 17.91 0.17
C ILE A 53 1.08 18.59 1.23
N LEU A 54 2.34 18.86 0.90
CA LEU A 54 3.29 19.56 1.78
C LEU A 54 2.69 20.84 2.43
N LYS A 55 1.95 21.61 1.62
CA LYS A 55 1.29 22.87 2.09
C LYS A 55 0.18 22.67 3.12
N GLU A 56 -0.10 21.40 3.41
CA GLU A 56 -1.02 21.02 4.47
C GLU A 56 -0.36 20.70 5.85
N PHE A 57 0.98 20.65 5.94
CA PHE A 57 1.67 20.24 7.20
C PHE A 57 2.32 21.30 8.12
N ASP A 58 2.15 22.55 7.78
CA ASP A 58 2.82 23.68 8.45
C ASP A 58 4.36 23.57 8.51
N LEU A 59 4.97 23.22 7.39
CA LEU A 59 6.43 23.23 7.26
C LEU A 59 6.96 24.62 6.93
N ASP A 60 8.19 24.89 7.34
CA ASP A 60 8.86 26.17 7.04
C ASP A 60 9.02 26.24 5.51
N PRO A 61 8.34 27.22 4.86
CA PRO A 61 8.26 27.33 3.40
C PRO A 61 9.62 27.46 2.70
N SER A 62 10.56 28.11 3.41
CA SER A 62 11.93 28.34 2.96
C SER A 62 12.76 27.06 2.83
N LYS A 63 12.32 25.96 3.47
CA LYS A 63 13.05 24.67 3.42
C LYS A 63 12.65 23.76 2.25
N LEU A 64 11.65 24.18 1.50
CA LEU A 64 11.11 23.38 0.38
C LEU A 64 11.83 23.74 -0.91
N ARG A 65 12.29 22.71 -1.62
CA ARG A 65 13.05 22.88 -2.86
C ARG A 65 12.28 22.13 -3.94
N GLY A 66 11.76 22.84 -4.94
CA GLY A 66 11.14 22.14 -6.06
C GLY A 66 12.12 21.50 -7.04
N MET A 67 11.74 20.31 -7.54
CA MET A 67 12.45 19.64 -8.63
C MET A 67 11.49 19.52 -9.81
N LEU A 68 11.52 20.49 -10.70
CA LEU A 68 10.54 20.57 -11.78
C LEU A 68 11.01 19.97 -13.11
N VAL A 69 10.12 19.21 -13.72
CA VAL A 69 10.37 18.45 -14.95
C VAL A 69 9.33 18.84 -16.02
N PRO A 70 9.68 18.71 -17.32
CA PRO A 70 8.66 18.96 -18.38
C PRO A 70 7.44 18.03 -18.26
N MET A 71 6.29 18.47 -18.77
CA MET A 71 5.03 17.67 -18.87
C MET A 71 3.77 18.47 -18.49
N SER A 81 18.09 14.07 -16.45
CA SER A 81 16.92 15.02 -16.48
C SER A 81 16.19 15.03 -15.14
N TYR A 82 16.51 16.05 -14.32
CA TYR A 82 15.97 16.28 -12.95
C TYR A 82 16.33 15.23 -11.90
N ALA A 83 16.90 14.10 -12.34
CA ALA A 83 17.57 13.18 -11.42
C ALA A 83 18.92 13.81 -11.05
N ALA A 84 19.31 14.82 -11.85
CA ALA A 84 20.49 15.67 -11.61
C ALA A 84 20.49 16.55 -10.35
N ASN A 85 19.33 16.74 -9.70
CA ASN A 85 19.19 17.56 -8.46
C ASN A 85 20.04 17.06 -7.29
N TYR A 86 20.85 16.04 -7.56
CA TYR A 86 21.55 15.27 -6.53
C TYR A 86 22.67 16.07 -5.79
N ALA A 87 23.33 16.98 -6.51
CA ALA A 87 23.82 18.23 -5.91
C ALA A 87 22.69 19.19 -6.29
N SER A 88 22.02 19.88 -5.36
CA SER A 88 22.40 20.18 -3.98
C SER A 88 22.33 19.14 -2.87
N MET A 89 21.68 17.97 -3.09
CA MET A 89 21.44 17.05 -1.96
C MET A 89 22.75 16.50 -1.39
N ALA A 90 23.60 15.95 -2.27
CA ALA A 90 24.99 15.61 -1.92
C ALA A 90 25.62 16.76 -1.18
N GLU A 91 25.61 17.94 -1.80
CA GLU A 91 26.06 19.16 -1.13
C GLU A 91 25.58 19.24 0.33
N GLU A 92 24.26 19.11 0.56
CA GLU A 92 23.70 19.29 1.91
C GLU A 92 24.11 18.24 2.91
N VAL A 93 24.13 16.98 2.49
CA VAL A 93 24.38 15.89 3.43
C VAL A 93 25.81 15.93 3.92
N GLN A 94 26.74 16.05 2.99
CA GLN A 94 28.14 16.19 3.33
C GLN A 94 28.32 17.34 4.31
N ALA A 95 27.44 18.34 4.21
CA ALA A 95 27.50 19.56 5.05
C ALA A 95 26.96 19.32 6.47
N GLY A 96 26.42 18.12 6.71
CA GLY A 96 25.85 17.75 8.00
C GLY A 96 24.33 17.76 8.08
N ARG A 97 23.66 18.07 6.97
CA ARG A 97 22.20 18.30 7.00
C ARG A 97 21.31 17.09 6.66
N ARG A 98 20.12 17.10 7.27
CA ARG A 98 19.06 16.13 7.07
C ARG A 98 18.24 16.50 5.84
N VAL A 99 18.39 15.74 4.76
CA VAL A 99 17.67 15.97 3.49
C VAL A 99 16.46 15.02 3.35
N ALA A 100 15.31 15.53 2.92
CA ALA A 100 14.18 14.63 2.62
C ALA A 100 13.84 14.80 1.16
N VAL A 101 13.63 13.69 0.47
CA VAL A 101 13.05 13.72 -0.87
C VAL A 101 11.69 13.04 -0.86
N VAL A 102 10.66 13.77 -1.26
CA VAL A 102 9.30 13.24 -1.06
C VAL A 102 8.67 12.68 -2.33
N SER A 103 7.68 11.78 -2.13
CA SER A 103 7.02 11.06 -3.24
C SER A 103 5.55 11.09 -2.92
N VAL A 104 4.71 11.31 -3.91
CA VAL A 104 3.28 11.02 -3.70
C VAL A 104 2.98 9.50 -3.64
N GLY A 105 2.07 9.11 -2.76
CA GLY A 105 1.78 7.70 -2.53
C GLY A 105 2.95 7.08 -1.77
N ASP A 106 3.46 5.99 -2.32
CA ASP A 106 4.66 5.32 -1.82
C ASP A 106 5.92 5.60 -2.66
N GLY A 107 7.02 5.86 -1.99
CA GLY A 107 8.27 6.09 -2.69
C GLY A 107 9.01 4.94 -3.35
N GLY A 108 8.53 3.69 -3.27
CA GLY A 108 9.13 2.60 -4.07
C GLY A 108 8.13 2.06 -5.10
N PHE A 109 7.02 2.76 -5.28
CA PHE A 109 5.94 2.23 -6.16
C PHE A 109 5.72 3.18 -7.31
N TYR A 110 6.45 2.93 -8.40
CA TYR A 110 6.49 3.81 -9.62
C TYR A 110 6.86 5.23 -9.24
N SER A 111 7.85 5.35 -8.36
CA SER A 111 8.29 6.63 -7.91
C SER A 111 9.63 6.96 -8.56
N THR A 112 9.83 8.22 -8.88
CA THR A 112 11.12 8.66 -9.40
C THR A 112 12.03 9.19 -8.31
N ALA A 113 11.62 9.02 -7.03
CA ALA A 113 12.55 9.21 -5.94
C ALA A 113 13.51 8.05 -6.01
N SER A 114 13.04 6.93 -6.55
CA SER A 114 13.86 5.76 -6.69
C SER A 114 15.22 6.07 -7.40
N ALA A 115 15.16 6.89 -8.44
CA ALA A 115 16.36 7.38 -9.14
C ALA A 115 17.38 8.07 -8.23
N ILE A 116 16.88 8.96 -7.37
CA ILE A 116 17.69 9.71 -6.44
C ILE A 116 18.34 8.82 -5.38
N ILE A 117 17.57 7.90 -4.82
CA ILE A 117 18.07 7.01 -3.79
C ILE A 117 19.16 6.09 -4.33
N GLU A 118 18.91 5.51 -5.51
CA GLU A 118 19.93 4.62 -6.11
C GLU A 118 21.23 5.39 -6.32
N ARG A 119 21.13 6.56 -6.95
CA ARG A 119 22.27 7.49 -7.10
C ARG A 119 22.90 7.86 -5.76
N ALA A 120 22.07 8.11 -4.75
CA ALA A 120 22.56 8.45 -3.41
C ALA A 120 23.43 7.34 -2.81
N ARG A 121 22.86 6.04 -2.78
CA ARG A 121 23.67 4.97 -2.23
C ARG A 121 24.86 4.69 -3.11
N ARG A 122 24.79 4.99 -4.50
CA ARG A 122 25.88 4.82 -5.50
C ARG A 122 27.11 5.61 -5.08
N ASP A 123 26.87 6.56 -4.18
CA ASP A 123 27.90 7.35 -3.53
C ASP A 123 27.89 6.85 -2.07
N GLY A 124 28.54 7.52 -1.13
CA GLY A 124 28.63 6.96 0.24
C GLY A 124 27.40 7.06 1.13
N LEU A 125 26.35 7.70 0.61
CA LEU A 125 25.35 8.35 1.44
C LEU A 125 24.42 7.46 2.25
N ASP A 126 24.07 7.99 3.41
CA ASP A 126 23.10 7.44 4.32
C ASP A 126 21.73 7.70 3.69
N CYS A 127 21.07 6.63 3.25
CA CYS A 127 19.72 6.74 2.76
C CYS A 127 18.80 5.68 3.41
N SER A 128 17.53 6.03 3.58
CA SER A 128 16.49 5.08 3.97
C SER A 128 15.17 5.47 3.28
N MET A 129 14.20 4.55 3.24
CA MET A 129 12.86 4.78 2.68
C MET A 129 11.82 4.62 3.75
N THR A 130 10.96 5.63 3.91
CA THR A 130 9.75 5.50 4.76
C THR A 130 8.64 5.35 3.76
N PRO A 131 7.86 4.24 3.87
CA PRO A 131 6.75 3.90 3.00
C PRO A 131 5.53 4.80 3.20
N GLY A 132 4.66 4.76 2.20
CA GLY A 132 3.39 5.50 2.22
C GLY A 132 2.33 4.66 1.62
N ILE A 133 1.07 5.13 1.67
CA ILE A 133 -0.03 4.39 1.04
C ILE A 133 -0.13 4.66 -0.47
N PRO A 134 -0.07 3.61 -1.32
CA PRO A 134 -0.24 3.81 -2.77
C PRO A 134 -1.59 4.41 -3.08
N ALA A 135 -1.71 5.18 -4.16
CA ALA A 135 -3.02 5.70 -4.54
C ALA A 135 -4.07 4.61 -4.83
N PHE A 136 -3.70 3.50 -5.46
CA PHE A 136 -4.75 2.46 -5.71
C PHE A 136 -5.38 1.92 -4.41
N ILE A 137 -4.58 1.86 -3.36
CA ILE A 137 -5.05 1.46 -2.03
C ILE A 137 -6.04 2.50 -1.46
N ALA A 138 -5.63 3.77 -1.52
CA ALA A 138 -6.50 4.86 -1.06
C ALA A 138 -7.83 4.88 -1.88
N ALA A 139 -7.74 4.63 -3.17
CA ALA A 139 -8.94 4.58 -4.01
C ALA A 139 -9.99 3.54 -3.57
N GLY A 140 -9.55 2.33 -3.27
CA GLY A 140 -10.48 1.26 -2.85
C GLY A 140 -11.16 1.70 -1.56
N SER A 141 -10.36 2.21 -0.62
CA SER A 141 -10.92 2.67 0.65
C SER A 141 -11.92 3.83 0.52
N ALA A 142 -11.62 4.77 -0.36
CA ALA A 142 -12.48 5.93 -0.61
C ALA A 142 -13.87 5.50 -1.13
N ALA A 143 -13.84 4.47 -1.98
CA ALA A 143 -15.03 3.89 -2.58
C ALA A 143 -15.70 2.85 -1.65
N GLY A 144 -15.11 2.54 -0.51
CA GLY A 144 -15.74 1.64 0.44
C GLY A 144 -15.80 0.18 0.00
N MET A 145 -14.83 -0.24 -0.82
CA MET A 145 -14.81 -1.59 -1.38
C MET A 145 -13.44 -2.25 -1.13
N PRO A 146 -13.42 -3.59 -1.07
CA PRO A 146 -12.11 -4.25 -0.91
C PRO A 146 -11.44 -4.42 -2.26
N LEU A 147 -10.12 -4.41 -2.27
CA LEU A 147 -9.39 -4.68 -3.49
C LEU A 147 -9.08 -6.16 -3.67
N ALA A 148 -9.09 -6.90 -2.57
CA ALA A 148 -8.63 -8.30 -2.58
C ALA A 148 -9.20 -9.02 -1.40
N LEU A 149 -9.67 -10.26 -1.67
CA LEU A 149 -10.16 -11.22 -0.67
C LEU A 149 -9.53 -12.58 -0.85
N GLN A 150 -9.27 -13.26 0.27
CA GLN A 150 -8.96 -14.70 0.29
C GLN A 150 -8.66 -15.31 -1.11
N SER A 151 -7.37 -15.34 -1.47
CA SER A 151 -6.94 -16.05 -2.70
C SER A 151 -6.99 -15.29 -4.03
N ASP A 152 -7.57 -14.09 -4.05
CA ASP A 152 -7.58 -13.26 -5.25
C ASP A 152 -6.14 -12.93 -5.65
N SER A 153 -5.93 -12.67 -6.94
CA SER A 153 -4.67 -12.05 -7.38
C SER A 153 -4.96 -10.58 -7.67
N VAL A 154 -3.94 -9.73 -7.56
CA VAL A 154 -4.06 -8.31 -7.94
C VAL A 154 -2.97 -8.02 -8.95
N LEU A 155 -3.38 -7.50 -10.09
CA LEU A 155 -2.46 -7.13 -11.13
C LEU A 155 -2.46 -5.62 -11.29
N VAL A 156 -1.29 -5.00 -11.16
CA VAL A 156 -1.16 -3.57 -11.38
C VAL A 156 -0.40 -3.37 -12.66
N LEU A 157 -1.03 -2.65 -13.59
CA LEU A 157 -0.35 -2.20 -14.80
C LEU A 157 -0.16 -0.67 -14.76
N ALA A 158 0.84 -0.16 -15.50
CA ALA A 158 1.03 1.30 -15.67
C ALA A 158 1.54 1.69 -17.07
N GLN A 159 1.15 2.86 -17.54
CA GLN A 159 1.57 3.40 -18.87
C GLN A 159 1.50 2.38 -19.99
N ILE A 160 0.36 1.71 -20.13
CA ILE A 160 0.22 0.63 -21.11
C ILE A 160 0.34 1.19 -22.56
N ASP A 161 1.00 0.44 -23.43
CA ASP A 161 1.39 0.92 -24.77
C ASP A 161 0.22 1.03 -25.75
N GLU A 162 -0.79 0.18 -25.53
CA GLU A 162 -2.09 0.30 -26.18
C GLU A 162 -3.14 -0.41 -25.32
N ILE A 163 -4.41 -0.06 -25.53
CA ILE A 163 -5.52 -0.60 -24.72
C ILE A 163 -5.59 -2.14 -24.64
N GLY A 164 -5.22 -2.83 -25.72
CA GLY A 164 -5.18 -4.30 -25.76
C GLY A 164 -4.57 -4.94 -24.53
N GLU A 165 -3.51 -4.33 -24.03
CA GLU A 165 -2.85 -4.69 -22.77
C GLU A 165 -3.84 -5.04 -21.65
N LEU A 166 -4.77 -4.12 -21.40
CA LEU A 166 -5.75 -4.25 -20.32
C LEU A 166 -6.76 -5.37 -20.59
N GLU A 167 -7.36 -5.37 -21.79
CA GLU A 167 -8.28 -6.44 -22.20
C GLU A 167 -7.63 -7.80 -21.95
N ARG A 168 -6.44 -7.99 -22.53
CA ARG A 168 -5.67 -9.24 -22.38
C ARG A 168 -5.43 -9.65 -20.93
N ALA A 169 -5.12 -8.66 -20.08
CA ALA A 169 -4.92 -8.90 -18.66
C ALA A 169 -6.22 -9.31 -17.96
N LEU A 170 -7.34 -8.68 -18.36
CA LEU A 170 -8.61 -8.85 -17.65
C LEU A 170 -9.27 -10.22 -17.86
N VAL A 171 -8.86 -10.95 -18.89
CA VAL A 171 -9.41 -12.29 -19.08
C VAL A 171 -8.75 -13.31 -18.14
N THR A 172 -7.55 -13.01 -17.66
CA THR A 172 -6.76 -14.01 -16.93
C THR A 172 -6.51 -13.58 -15.50
N HIS A 173 -6.98 -12.37 -15.22
CA HIS A 173 -6.86 -11.76 -13.92
C HIS A 173 -8.15 -11.04 -13.66
N SER A 174 -8.69 -11.26 -12.46
CA SER A 174 -9.98 -10.72 -12.08
C SER A 174 -9.95 -9.29 -11.48
N THR A 175 -8.91 -8.94 -10.71
CA THR A 175 -8.69 -7.52 -10.28
C THR A 175 -7.45 -6.93 -10.96
N VAL A 176 -7.66 -5.91 -11.78
CA VAL A 176 -6.59 -5.24 -12.51
C VAL A 176 -6.65 -3.75 -12.17
N VAL A 177 -5.53 -3.19 -11.72
CA VAL A 177 -5.41 -1.76 -11.49
C VAL A 177 -4.60 -1.21 -12.64
N VAL A 178 -4.99 -0.05 -13.17
CA VAL A 178 -4.21 0.60 -14.22
C VAL A 178 -3.86 2.01 -13.80
N MET A 179 -2.57 2.33 -13.82
CA MET A 179 -2.10 3.63 -13.31
C MET A 179 -1.83 4.78 -14.26
N LYS A 180 -0.73 4.85 -15.00
CA LYS A 180 -0.53 6.13 -15.72
C LYS A 180 -1.41 6.09 -16.98
N LEU A 181 -2.66 6.49 -16.78
CA LEU A 181 -3.68 6.38 -17.80
C LEU A 181 -3.89 7.75 -18.44
N SER A 182 -3.24 7.89 -19.60
CA SER A 182 -3.05 9.18 -20.27
C SER A 182 -2.49 8.73 -21.61
N THR A 183 -1.81 7.60 -21.53
CA THR A 183 -1.37 6.81 -22.69
C THR A 183 -2.56 6.18 -23.43
N VAL A 184 -3.65 5.98 -22.67
CA VAL A 184 -4.82 5.22 -23.12
C VAL A 184 -6.13 6.03 -22.93
N ARG A 185 -5.98 7.30 -22.58
CA ARG A 185 -7.12 8.13 -22.21
C ARG A 185 -8.25 8.24 -23.26
N ASP A 186 -7.88 8.21 -24.55
CA ASP A 186 -8.87 8.38 -25.62
C ASP A 186 -9.68 7.12 -25.88
N GLU A 187 -9.22 6.00 -25.32
CA GLU A 187 -9.79 4.70 -25.62
C GLU A 187 -10.69 4.18 -24.51
N LEU A 188 -10.74 4.97 -23.41
CA LEU A 188 -11.31 4.52 -22.14
C LEU A 188 -12.80 4.18 -22.18
N VAL A 189 -13.61 5.10 -22.74
CA VAL A 189 -15.06 4.93 -22.78
C VAL A 189 -15.55 3.80 -23.77
N SER A 190 -14.78 3.75 -24.93
CA SER A 190 -14.98 2.63 -25.87
C SER A 190 -14.82 1.27 -25.17
N PHE A 191 -13.70 1.15 -24.43
CA PHE A 191 -13.36 -0.05 -23.67
C PHE A 191 -14.39 -0.42 -22.60
N LEU A 192 -14.83 0.57 -21.81
CA LEU A 192 -15.73 0.29 -20.69
C LEU A 192 -17.13 -0.18 -21.13
N GLU A 193 -17.63 0.33 -22.28
CA GLU A 193 -18.92 -0.16 -22.76
C GLU A 193 -18.81 -1.61 -23.20
N ARG A 194 -17.67 -2.03 -23.79
CA ARG A 194 -17.50 -3.44 -24.19
C ARG A 194 -17.11 -4.40 -23.06
N TYR A 195 -16.39 -3.91 -22.04
CA TYR A 195 -16.11 -4.66 -20.80
C TYR A 195 -17.42 -4.97 -20.05
N ALA A 196 -18.25 -3.93 -19.93
CA ALA A 196 -19.59 -3.99 -19.33
C ALA A 196 -19.62 -4.67 -17.96
N LYS A 197 -18.59 -4.39 -17.15
CA LYS A 197 -18.48 -4.98 -15.81
C LYS A 197 -18.12 -3.93 -14.74
N PRO A 198 -18.19 -4.32 -13.46
CA PRO A 198 -17.92 -3.31 -12.44
C PRO A 198 -16.49 -2.74 -12.52
N PHE A 199 -16.37 -1.46 -12.17
CA PHE A 199 -15.11 -0.73 -12.25
C PHE A 199 -15.17 0.47 -11.32
N LEU A 200 -13.99 0.95 -10.93
CA LEU A 200 -13.86 2.21 -10.20
C LEU A 200 -12.97 3.16 -11.01
N TYR A 201 -13.48 4.33 -11.36
CA TYR A 201 -12.59 5.39 -11.83
C TYR A 201 -12.27 6.31 -10.66
N ALA A 202 -10.97 6.53 -10.43
CA ALA A 202 -10.53 7.32 -9.29
C ALA A 202 -9.54 8.41 -9.68
N GLU A 203 -9.95 9.66 -9.51
CA GLU A 203 -9.18 10.79 -9.91
C GLU A 203 -8.85 11.64 -8.69
N LYS A 204 -7.56 11.96 -8.54
CA LYS A 204 -7.06 12.88 -7.49
C LYS A 204 -7.65 12.56 -6.10
N VAL A 205 -7.53 11.28 -5.71
CA VAL A 205 -8.02 10.73 -4.46
C VAL A 205 -7.41 11.44 -3.26
N GLY A 206 -8.26 12.05 -2.46
CA GLY A 206 -7.88 12.72 -1.24
C GLY A 206 -7.40 14.14 -1.41
N MET A 207 -7.40 14.62 -2.65
CA MET A 207 -6.95 15.95 -3.01
C MET A 207 -8.15 16.84 -3.30
N ALA A 208 -7.93 18.16 -3.37
CA ALA A 208 -8.97 19.05 -3.83
C ALA A 208 -9.34 18.56 -5.23
N GLY A 209 -10.64 18.53 -5.53
CA GLY A 209 -11.09 18.03 -6.83
C GLY A 209 -11.03 16.52 -6.99
N GLU A 210 -10.99 15.79 -5.88
CA GLU A 210 -11.21 14.34 -5.93
C GLU A 210 -12.50 14.06 -6.72
N PHE A 211 -12.48 13.00 -7.51
CA PHE A 211 -13.69 12.57 -8.20
C PHE A 211 -13.63 11.09 -8.41
N ILE A 212 -14.61 10.39 -7.85
CA ILE A 212 -14.66 8.92 -7.84
C ILE A 212 -15.98 8.49 -8.47
N THR A 213 -15.91 7.61 -9.47
CA THR A 213 -17.13 7.12 -10.09
C THR A 213 -17.02 5.67 -10.51
N MET A 214 -18.18 5.04 -10.54
CA MET A 214 -18.38 3.71 -11.07
C MET A 214 -19.41 3.78 -12.21
N GLU A 215 -19.67 5.01 -12.69
CA GLU A 215 -20.66 5.25 -13.78
C GLU A 215 -19.97 5.63 -15.11
N VAL A 216 -20.32 4.91 -16.20
CA VAL A 216 -19.68 5.21 -17.49
C VAL A 216 -20.10 6.60 -18.00
N ASP A 217 -21.36 6.97 -17.72
CA ASP A 217 -21.90 8.29 -18.09
C ASP A 217 -21.13 9.44 -17.44
N ALA A 218 -20.50 9.19 -16.28
CA ALA A 218 -19.71 10.23 -15.61
C ALA A 218 -18.35 10.44 -16.27
N LEU A 219 -17.99 9.60 -17.24
CA LEU A 219 -16.69 9.72 -17.90
C LEU A 219 -16.75 10.28 -19.32
N ARG A 220 -17.97 10.42 -19.86
CA ARG A 220 -18.16 10.85 -21.26
C ARG A 220 -17.74 12.29 -21.48
N SER A 221 -18.21 13.21 -20.65
CA SER A 221 -17.77 14.62 -20.74
C SER A 221 -16.57 14.90 -19.83
N ARG A 222 -16.02 13.84 -19.24
CA ARG A 222 -14.92 13.97 -18.28
C ARG A 222 -13.53 13.97 -18.95
N ALA A 223 -12.73 14.99 -18.62
CA ALA A 223 -11.31 15.03 -18.97
C ALA A 223 -10.53 14.17 -17.96
N ILE A 224 -9.88 13.11 -18.44
CA ILE A 224 -9.15 12.19 -17.57
C ILE A 224 -7.65 12.57 -17.46
N PRO A 225 -7.24 13.14 -16.30
CA PRO A 225 -5.90 13.66 -16.10
C PRO A 225 -4.86 12.59 -15.71
N TYR A 226 -3.61 13.05 -15.54
CA TYR A 226 -2.52 12.21 -15.05
C TYR A 226 -2.81 11.50 -13.70
N PHE A 227 -3.22 12.24 -12.69
CA PHE A 227 -3.54 11.61 -11.41
C PHE A 227 -4.93 11.00 -11.35
N SER A 228 -5.14 10.00 -12.19
CA SER A 228 -6.28 9.14 -12.06
C SER A 228 -5.85 7.71 -12.24
N LEU A 229 -6.63 6.80 -11.69
CA LEU A 229 -6.34 5.39 -11.93
C LEU A 229 -7.64 4.66 -12.17
N LEU A 230 -7.51 3.45 -12.68
CA LEU A 230 -8.68 2.64 -12.90
C LEU A 230 -8.55 1.32 -12.16
N VAL A 231 -9.56 0.97 -11.39
CA VAL A 231 -9.68 -0.38 -10.84
C VAL A 231 -10.80 -1.17 -11.57
N CYS A 232 -10.46 -2.25 -12.27
CA CYS A 232 -11.47 -3.17 -12.82
C CYS A 232 -11.50 -4.45 -12.02
N SER A 233 -12.57 -4.61 -11.24
CA SER A 233 -12.74 -5.74 -10.34
C SER A 233 -14.22 -6.02 -10.07
N PRO A 234 -14.59 -7.32 -9.96
CA PRO A 234 -15.94 -7.66 -9.50
C PRO A 234 -16.26 -7.03 -8.14
N HIS A 235 -15.24 -6.82 -7.31
CA HIS A 235 -15.40 -6.27 -5.95
C HIS A 235 -15.90 -4.83 -5.91
N CYS A 236 -15.87 -4.15 -7.07
CA CYS A 236 -16.45 -2.81 -7.20
C CYS A 236 -17.98 -2.77 -6.97
N ARG A 237 -18.64 -3.92 -7.11
CA ARG A 237 -20.07 -4.01 -6.85
C ARG A 237 -20.38 -3.97 -5.35
N GLN A 238 -19.36 -4.21 -4.53
CA GLN A 238 -19.51 -4.21 -3.08
C GLN A 238 -19.39 -2.80 -2.47
N SER A 239 -19.24 -1.80 -3.35
CA SER A 239 -19.21 -0.38 -2.99
C SER A 239 -20.61 0.30 -2.95
N THR A 240 -20.66 1.50 -2.39
CA THR A 240 -21.87 2.34 -2.39
C THR A 240 -22.25 2.93 -3.75
N LEU A 241 -21.26 3.09 -4.63
CA LEU A 241 -21.42 3.84 -5.89
C LEU A 241 -21.66 2.97 -7.15
N SER A 242 -21.80 1.66 -6.97
CA SER A 242 -21.95 0.73 -8.10
C SER A 242 -23.28 0.90 -8.86
N SER B 6 -21.23 4.78 14.90
CA SER B 6 -20.72 4.33 13.57
C SER B 6 -19.67 3.24 13.67
N ILE B 7 -19.38 2.61 12.55
CA ILE B 7 -18.31 1.62 12.50
C ILE B 7 -17.23 2.01 11.48
N ILE B 8 -15.98 2.01 11.91
CA ILE B 8 -14.94 2.35 10.95
C ILE B 8 -13.90 1.28 10.81
N SER B 9 -13.60 0.92 9.57
CA SER B 9 -12.52 -0.03 9.32
C SER B 9 -11.21 0.73 9.34
N VAL B 10 -10.49 0.57 10.45
CA VAL B 10 -9.25 1.34 10.69
C VAL B 10 -8.00 0.50 10.35
N SER B 11 -7.32 0.82 9.27
CA SER B 11 -6.03 0.17 8.97
C SER B 11 -4.93 0.66 9.90
N LEU B 12 -4.17 -0.30 10.38
CA LEU B 12 -3.10 -0.01 11.32
C LEU B 12 -1.76 0.25 10.66
N GLY B 13 -1.61 -0.10 9.37
CA GLY B 13 -0.28 -0.26 8.79
C GLY B 13 0.27 -1.62 9.21
N PRO B 14 1.42 -2.01 8.67
CA PRO B 14 1.82 -3.43 8.71
C PRO B 14 2.55 -3.95 9.94
N GLY B 15 2.89 -3.06 10.89
CA GLY B 15 3.54 -3.53 12.10
C GLY B 15 4.26 -2.47 12.91
N ASP B 16 5.02 -1.60 12.25
CA ASP B 16 5.72 -0.51 12.91
C ASP B 16 4.64 0.51 13.31
N PRO B 17 4.48 0.78 14.62
CA PRO B 17 3.37 1.68 15.00
C PRO B 17 3.48 3.09 14.38
N GLY B 18 4.70 3.51 14.02
CA GLY B 18 4.95 4.80 13.40
C GLY B 18 4.40 4.85 11.98
N LEU B 19 4.06 3.68 11.42
CA LEU B 19 3.51 3.61 10.04
C LEU B 19 1.99 3.69 9.98
N ILE B 20 1.35 3.83 11.15
CA ILE B 20 -0.07 4.23 11.14
C ILE B 20 -0.17 5.65 10.58
N THR B 21 -1.28 5.93 9.90
CA THR B 21 -1.60 7.28 9.44
C THR B 21 -2.09 8.17 10.59
N VAL B 22 -1.87 9.46 10.42
CA VAL B 22 -2.41 10.51 11.33
C VAL B 22 -3.90 10.31 11.51
N LYS B 23 -4.61 10.13 10.40
CA LYS B 23 -6.06 9.93 10.50
C LYS B 23 -6.45 8.67 11.29
N ALA B 24 -5.84 7.54 10.98
CA ALA B 24 -6.18 6.25 11.61
C ALA B 24 -5.92 6.35 13.10
N LEU B 25 -4.79 6.97 13.46
CA LEU B 25 -4.47 7.09 14.87
C LEU B 25 -5.51 7.91 15.64
N SER B 26 -5.95 9.03 15.06
CA SER B 26 -6.95 9.86 15.76
C SER B 26 -8.27 9.11 15.85
N GLN B 27 -8.57 8.30 14.84
CA GLN B 27 -9.78 7.52 14.87
C GLN B 27 -9.79 6.46 15.98
N LEU B 28 -8.67 5.79 16.17
CA LEU B 28 -8.47 4.92 17.33
C LEU B 28 -8.65 5.60 18.69
N ARG B 29 -8.06 6.79 18.85
CA ARG B 29 -8.12 7.54 20.12
C ARG B 29 -9.56 7.97 20.48
N GLU B 30 -10.41 8.03 19.46
CA GLU B 30 -11.78 8.52 19.59
C GLU B 30 -12.84 7.44 19.61
N ALA B 31 -12.46 6.20 19.29
CA ALA B 31 -13.41 5.08 19.26
C ALA B 31 -13.83 4.68 20.67
N ASP B 32 -15.08 4.27 20.80
CA ASP B 32 -15.58 3.75 22.07
C ASP B 32 -15.16 2.30 22.33
N VAL B 33 -15.14 1.47 21.27
CA VAL B 33 -14.65 0.09 21.38
C VAL B 33 -13.85 -0.31 20.13
N ILE B 34 -12.92 -1.19 20.45
CA ILE B 34 -11.92 -1.55 19.36
C ILE B 34 -12.16 -2.78 18.52
N TYR B 35 -12.00 -4.06 18.82
CA TYR B 35 -12.08 -5.09 17.81
C TYR B 35 -10.83 -5.33 16.95
N TYR B 36 -10.03 -6.26 17.45
CA TYR B 36 -8.80 -6.69 16.80
C TYR B 36 -8.82 -8.22 16.58
N PRO B 37 -8.26 -8.69 15.47
CA PRO B 37 -8.10 -10.15 15.28
C PRO B 37 -6.93 -10.72 16.06
N GLY B 38 -7.09 -11.95 16.53
CA GLY B 38 -6.01 -12.68 17.19
C GLY B 38 -6.08 -14.20 16.97
N THR B 39 -5.06 -14.89 17.49
CA THR B 39 -4.83 -16.31 17.25
C THR B 39 -4.50 -17.01 18.57
N VAL B 40 -5.01 -18.24 18.75
CA VAL B 40 -4.52 -19.17 19.81
C VAL B 40 -3.91 -20.45 19.20
N SER B 41 -2.84 -20.94 19.82
CA SER B 41 -2.00 -21.94 19.17
C SER B 41 -1.77 -23.20 20.02
N ALA B 42 -2.86 -23.94 20.26
CA ALA B 42 -2.90 -25.27 20.89
C ALA B 42 -2.60 -25.35 22.40
N SER B 43 -3.49 -24.74 23.19
CA SER B 43 -3.43 -24.72 24.66
C SER B 43 -4.12 -23.48 25.20
N GLY B 44 -4.22 -22.47 24.32
CA GLY B 44 -4.59 -21.13 24.71
C GLY B 44 -3.36 -20.25 24.65
N ALA B 45 -3.37 -19.16 25.44
CA ALA B 45 -2.37 -18.08 25.35
C ALA B 45 -2.44 -17.39 23.99
N VAL B 46 -2.85 -16.13 24.00
CA VAL B 46 -3.13 -15.39 22.77
C VAL B 46 -1.90 -14.78 22.06
N THR B 47 -1.91 -14.84 20.73
CA THR B 47 -1.00 -14.08 19.89
C THR B 47 -1.85 -13.09 19.11
N SER B 48 -1.47 -11.82 19.16
CA SER B 48 -2.13 -10.83 18.31
C SER B 48 -1.19 -9.74 17.83
N VAL B 49 -0.79 -9.82 16.58
CA VAL B 49 0.07 -8.80 16.01
C VAL B 49 -0.65 -7.44 16.00
N ALA B 50 -1.98 -7.45 15.82
CA ALA B 50 -2.75 -6.22 15.83
C ALA B 50 -2.75 -5.58 17.21
N LEU B 51 -2.88 -6.37 18.26
CA LEU B 51 -2.87 -5.82 19.62
C LEU B 51 -1.51 -5.30 20.05
N ASP B 52 -0.45 -5.97 19.58
CA ASP B 52 0.94 -5.46 19.70
C ASP B 52 1.09 -4.05 19.14
N ILE B 53 0.48 -3.76 18.00
CA ILE B 53 0.48 -2.40 17.48
C ILE B 53 -0.35 -1.48 18.39
N LEU B 54 -1.57 -1.91 18.72
CA LEU B 54 -2.54 -1.06 19.43
C LEU B 54 -2.02 -0.61 20.79
N LYS B 55 -1.22 -1.49 21.40
CA LYS B 55 -0.55 -1.30 22.70
C LYS B 55 0.41 -0.12 22.76
N GLU B 56 0.86 0.37 21.60
CA GLU B 56 1.79 1.49 21.53
C GLU B 56 1.11 2.85 21.41
N PHE B 57 -0.22 2.85 21.27
CA PHE B 57 -1.00 4.09 21.11
C PHE B 57 -1.59 4.67 22.41
N ASP B 58 -1.33 4.03 23.55
CA ASP B 58 -1.87 4.47 24.85
C ASP B 58 -3.40 4.55 24.85
N LEU B 59 -4.02 3.47 24.36
CA LEU B 59 -5.46 3.37 24.30
C LEU B 59 -5.98 2.75 25.59
N ASP B 60 -7.23 3.03 25.93
CA ASP B 60 -7.85 2.45 27.10
C ASP B 60 -8.00 0.94 26.91
N PRO B 61 -7.25 0.12 27.67
CA PRO B 61 -7.25 -1.34 27.47
C PRO B 61 -8.66 -2.01 27.51
N SER B 62 -9.62 -1.40 28.21
CA SER B 62 -10.99 -1.97 28.31
C SER B 62 -11.92 -1.72 27.09
N LYS B 63 -11.42 -0.96 26.12
CA LYS B 63 -12.15 -0.65 24.88
C LYS B 63 -11.89 -1.71 23.82
N LEU B 64 -10.83 -2.47 24.02
CA LEU B 64 -10.37 -3.42 23.03
C LEU B 64 -11.16 -4.72 23.12
N ARG B 65 -11.70 -5.18 21.98
CA ARG B 65 -12.40 -6.47 21.90
C ARG B 65 -11.68 -7.43 20.95
N GLY B 66 -11.05 -8.47 21.51
CA GLY B 66 -10.41 -9.52 20.72
C GLY B 66 -11.37 -10.42 19.93
N MET B 67 -10.90 -10.87 18.78
CA MET B 67 -11.68 -11.76 17.92
C MET B 67 -10.75 -12.88 17.50
N LEU B 68 -11.01 -14.10 17.99
CA LEU B 68 -9.95 -15.12 18.12
C LEU B 68 -9.88 -16.40 17.24
N VAL B 69 -10.88 -17.28 17.29
CA VAL B 69 -10.64 -18.73 16.89
C VAL B 69 -9.63 -18.88 15.65
N PRO B 70 -8.75 -19.94 15.65
CA PRO B 70 -7.36 -19.83 15.14
C PRO B 70 -7.02 -20.06 13.65
N MET B 71 -5.76 -20.34 13.36
CA MET B 71 -5.21 -20.38 11.97
C MET B 71 -5.55 -21.65 11.17
N SER B 72 -6.38 -21.50 10.13
CA SER B 72 -6.95 -22.67 9.44
C SER B 72 -7.36 -22.47 7.97
N ARG B 73 -8.61 -22.04 7.78
CA ARG B 73 -9.22 -21.85 6.45
C ARG B 73 -8.58 -20.74 5.60
N GLY B 76 -9.43 -17.89 8.07
CA GLY B 76 -8.99 -19.06 8.83
C GLY B 76 -10.13 -19.81 9.51
N ALA B 77 -11.37 -19.47 9.11
CA ALA B 77 -12.50 -19.48 10.02
C ALA B 77 -12.63 -18.02 10.48
N ALA B 78 -11.73 -17.17 9.98
CA ALA B 78 -11.74 -15.73 10.29
C ALA B 78 -13.05 -15.07 9.85
N GLU B 79 -13.53 -15.43 8.67
CA GLU B 79 -14.81 -14.95 8.12
C GLU B 79 -15.96 -15.18 9.12
N ALA B 80 -16.07 -16.41 9.62
CA ALA B 80 -17.07 -16.75 10.63
C ALA B 80 -16.88 -15.94 11.92
N SER B 81 -15.60 -15.95 12.42
CA SER B 81 -15.27 -15.26 13.68
C SER B 81 -15.73 -13.79 13.73
N TYR B 82 -15.47 -13.05 12.65
CA TYR B 82 -15.84 -11.63 12.59
C TYR B 82 -17.38 -11.53 12.61
N ALA B 83 -18.02 -12.44 11.87
CA ALA B 83 -19.46 -12.40 11.69
C ALA B 83 -20.15 -12.59 13.03
N ALA B 84 -19.61 -13.49 13.85
CA ALA B 84 -20.09 -13.73 15.20
C ALA B 84 -19.84 -12.54 16.15
N ASN B 85 -19.12 -11.50 15.67
CA ASN B 85 -18.89 -10.34 16.52
C ASN B 85 -19.63 -9.11 16.00
N TYR B 86 -20.11 -9.12 14.75
CA TYR B 86 -20.80 -7.94 14.20
C TYR B 86 -22.09 -7.68 14.91
N ALA B 87 -22.76 -8.76 15.35
CA ALA B 87 -23.97 -8.64 16.14
C ALA B 87 -23.77 -7.63 17.27
N SER B 88 -22.67 -7.79 18.05
CA SER B 88 -22.37 -6.83 19.12
C SER B 88 -21.87 -5.49 18.59
N MET B 89 -21.41 -5.48 17.33
CA MET B 89 -21.00 -4.22 16.69
C MET B 89 -22.24 -3.39 16.31
N ALA B 90 -23.32 -4.04 15.84
CA ALA B 90 -24.60 -3.34 15.62
C ALA B 90 -25.39 -3.19 16.92
N GLU B 91 -24.74 -2.71 17.97
CA GLU B 91 -25.34 -2.62 19.29
C GLU B 91 -24.73 -1.47 20.09
N GLU B 92 -23.41 -1.30 19.96
CA GLU B 92 -22.78 -0.08 20.43
C GLU B 92 -23.17 1.00 19.41
N VAL B 93 -23.18 0.61 18.13
CA VAL B 93 -23.60 1.51 17.05
C VAL B 93 -25.04 2.04 17.22
N GLN B 94 -25.99 1.14 17.50
CA GLN B 94 -27.38 1.57 17.78
C GLN B 94 -27.46 2.37 19.09
N ALA B 95 -26.50 2.13 20.00
CA ALA B 95 -26.41 2.88 21.26
C ALA B 95 -25.57 4.14 21.12
N GLY B 96 -25.18 4.46 19.86
CA GLY B 96 -24.51 5.73 19.55
C GLY B 96 -23.00 5.75 19.67
N ARG B 97 -22.40 4.58 19.93
CA ARG B 97 -20.94 4.50 20.15
C ARG B 97 -20.13 4.37 18.85
N ARG B 98 -18.85 4.76 18.93
CA ARG B 98 -17.91 4.73 17.79
C ARG B 98 -17.17 3.40 17.77
N VAL B 99 -17.44 2.54 16.78
CA VAL B 99 -16.78 1.22 16.67
C VAL B 99 -15.86 1.31 15.42
N ALA B 100 -14.58 1.04 15.48
CA ALA B 100 -13.63 0.74 14.53
C ALA B 100 -13.25 -0.78 14.60
N VAL B 101 -12.97 -1.34 13.50
CA VAL B 101 -12.43 -2.69 13.38
C VAL B 101 -11.16 -2.70 12.52
N VAL B 102 -10.09 -2.95 13.29
CA VAL B 102 -8.69 -2.76 12.91
C VAL B 102 -8.20 -3.89 12.05
N SER B 103 -7.31 -3.57 11.12
CA SER B 103 -6.69 -4.52 10.22
C SER B 103 -5.21 -4.24 10.21
N VAL B 104 -4.43 -5.30 10.16
CA VAL B 104 -3.00 -5.21 9.99
C VAL B 104 -2.80 -4.80 8.52
N GLY B 105 -1.87 -3.88 8.26
CA GLY B 105 -1.64 -3.46 6.88
C GLY B 105 -2.79 -2.56 6.48
N ASP B 106 -3.37 -2.84 5.31
CA ASP B 106 -4.55 -2.16 4.79
C ASP B 106 -5.84 -3.00 4.96
N GLY B 107 -6.91 -2.36 5.42
CA GLY B 107 -8.21 -2.96 5.65
C GLY B 107 -9.00 -3.40 4.44
N GLY B 108 -8.59 -3.07 3.24
CA GLY B 108 -9.28 -3.67 2.10
C GLY B 108 -8.37 -4.52 1.24
N PHE B 109 -7.24 -4.96 1.81
CA PHE B 109 -6.26 -5.74 1.05
C PHE B 109 -6.08 -7.05 1.73
N TYR B 110 -6.90 -8.05 1.30
CA TYR B 110 -6.91 -9.38 1.91
C TYR B 110 -7.24 -9.33 3.43
N SER B 111 -8.13 -8.41 3.80
CA SER B 111 -8.54 -8.25 5.19
C SER B 111 -9.91 -8.86 5.42
N THR B 112 -10.08 -9.51 6.57
CA THR B 112 -11.36 -10.06 6.90
C THR B 112 -12.35 -8.96 7.37
N ALA B 113 -11.83 -7.80 7.73
CA ALA B 113 -12.66 -6.62 8.04
C ALA B 113 -13.68 -6.27 6.94
N SER B 114 -13.38 -6.70 5.72
CA SER B 114 -14.22 -6.51 4.54
C SER B 114 -15.56 -7.24 4.62
N ALA B 115 -15.74 -8.08 5.63
CA ALA B 115 -17.00 -8.73 5.90
C ALA B 115 -17.88 -7.88 6.80
N ILE B 116 -17.21 -7.12 7.67
CA ILE B 116 -17.92 -6.25 8.60
C ILE B 116 -18.58 -5.06 7.87
N ILE B 117 -17.80 -4.44 6.97
CA ILE B 117 -18.25 -3.30 6.19
C ILE B 117 -19.32 -3.63 5.12
N GLU B 118 -19.10 -4.71 4.36
CA GLU B 118 -20.08 -5.18 3.36
C GLU B 118 -21.43 -5.43 4.03
N ARG B 119 -21.35 -5.89 5.28
CA ARG B 119 -22.52 -6.20 6.10
C ARG B 119 -23.09 -4.96 6.84
N ALA B 120 -22.23 -4.01 7.16
CA ALA B 120 -22.62 -2.75 7.79
C ALA B 120 -23.41 -1.91 6.80
N ARG B 121 -22.91 -1.79 5.56
CA ARG B 121 -23.74 -1.30 4.46
C ARG B 121 -24.79 -2.35 4.18
N ARG B 122 -25.84 -1.99 3.45
CA ARG B 122 -26.99 -2.88 3.27
C ARG B 122 -27.81 -2.99 4.55
N ASP B 123 -27.14 -2.80 5.69
CA ASP B 123 -27.76 -2.82 7.01
C ASP B 123 -27.93 -1.38 7.52
N GLY B 124 -27.61 -0.32 6.70
CA GLY B 124 -27.49 1.00 7.12
C GLY B 124 -26.21 0.96 8.04
N LEU B 125 -25.90 2.03 8.59
CA LEU B 125 -24.93 2.21 9.65
C LEU B 125 -23.58 2.62 8.93
N ASP B 126 -23.38 3.85 9.43
CA ASP B 126 -22.31 4.80 9.03
C ASP B 126 -20.96 4.16 9.33
N CYS B 127 -20.50 3.73 8.19
CA CYS B 127 -19.27 3.01 8.05
C CYS B 127 -18.33 3.66 7.06
N SER B 128 -17.06 3.45 7.33
CA SER B 128 -15.97 4.08 6.61
C SER B 128 -14.79 3.13 6.61
N MET B 129 -13.93 3.29 5.61
CA MET B 129 -12.62 2.61 5.58
C MET B 129 -11.49 3.65 5.60
N THR B 130 -10.60 3.54 6.57
CA THR B 130 -9.35 4.31 6.58
C THR B 130 -8.25 3.39 6.13
N PRO B 131 -7.56 3.76 5.05
CA PRO B 131 -6.55 2.89 4.49
C PRO B 131 -5.19 2.90 5.27
N GLY B 132 -4.33 1.96 4.92
CA GLY B 132 -3.05 1.77 5.60
C GLY B 132 -2.07 1.21 4.58
N ILE B 133 -0.81 1.13 4.99
CA ILE B 133 0.25 0.59 4.16
C ILE B 133 0.24 -0.92 4.10
N PRO B 134 0.07 -1.51 2.90
CA PRO B 134 0.20 -2.97 2.79
C PRO B 134 1.56 -3.47 3.22
N ALA B 135 1.63 -4.68 3.81
CA ALA B 135 2.94 -5.24 4.15
C ALA B 135 3.92 -5.30 3.01
N PHE B 136 3.47 -5.65 1.81
CA PHE B 136 4.45 -5.82 0.74
C PHE B 136 5.09 -4.49 0.39
N ILE B 137 4.32 -3.40 0.54
CA ILE B 137 4.86 -2.05 0.35
C ILE B 137 5.96 -1.70 1.44
N ALA B 138 5.64 -2.01 2.68
CA ALA B 138 6.59 -1.75 3.76
C ALA B 138 7.82 -2.64 3.58
N ALA B 139 7.63 -3.87 3.12
CA ALA B 139 8.80 -4.76 2.92
C ALA B 139 9.84 -4.16 1.93
N GLY B 140 9.35 -3.71 0.78
CA GLY B 140 10.17 -3.02 -0.25
C GLY B 140 11.00 -1.92 0.40
N SER B 141 10.33 -1.08 1.20
CA SER B 141 11.01 0.09 1.76
C SER B 141 12.01 -0.33 2.83
N ALA B 142 11.65 -1.33 3.65
CA ALA B 142 12.58 -1.90 4.67
C ALA B 142 13.85 -2.47 4.02
N ALA B 143 13.70 -3.10 2.87
CA ALA B 143 14.84 -3.58 2.12
C ALA B 143 15.56 -2.52 1.26
N GLY B 144 15.03 -1.28 1.16
CA GLY B 144 15.75 -0.17 0.44
C GLY B 144 15.76 -0.39 -1.06
N MET B 145 14.67 -0.93 -1.56
CA MET B 145 14.54 -1.19 -3.01
C MET B 145 13.24 -0.58 -3.55
N PRO B 146 13.16 -0.36 -4.87
CA PRO B 146 11.85 -0.07 -5.46
C PRO B 146 11.09 -1.38 -5.78
N LEU B 147 9.76 -1.38 -5.65
CA LEU B 147 8.94 -2.54 -6.13
C LEU B 147 8.55 -2.43 -7.61
N ALA B 148 8.55 -1.21 -8.12
CA ALA B 148 8.05 -0.93 -9.47
C ALA B 148 8.61 0.38 -9.99
N LEU B 149 8.98 0.33 -11.26
CA LEU B 149 9.48 1.44 -12.02
C LEU B 149 8.78 1.52 -13.37
N GLN B 150 8.55 2.74 -13.84
CA GLN B 150 8.19 3.03 -15.23
C GLN B 150 7.59 1.90 -16.09
N SER B 151 6.29 1.65 -16.08
CA SER B 151 5.76 0.57 -17.01
C SER B 151 5.84 -0.88 -16.51
N ASP B 152 6.56 -1.15 -15.39
CA ASP B 152 6.53 -2.47 -14.76
C ASP B 152 5.09 -2.85 -14.48
N SER B 153 4.84 -4.14 -14.44
CA SER B 153 3.61 -4.65 -13.91
C SER B 153 3.94 -5.21 -12.53
N VAL B 154 2.99 -5.17 -11.63
CA VAL B 154 3.15 -5.91 -10.40
C VAL B 154 2.00 -6.89 -10.15
N LEU B 155 2.36 -8.16 -9.91
CA LEU B 155 1.39 -9.21 -9.66
C LEU B 155 1.49 -9.58 -8.18
N VAL B 156 0.37 -9.45 -7.46
CA VAL B 156 0.33 -9.99 -6.09
C VAL B 156 -0.59 -11.19 -6.00
N LEU B 157 -0.05 -12.25 -5.39
CA LEU B 157 -0.76 -13.52 -5.22
C LEU B 157 -0.86 -13.81 -3.73
N ALA B 158 -1.86 -14.60 -3.37
CA ALA B 158 -2.05 -15.06 -1.99
C ALA B 158 -2.56 -16.49 -1.95
N GLN B 159 -2.11 -17.27 -0.95
CA GLN B 159 -2.63 -18.61 -0.68
C GLN B 159 -2.50 -19.45 -1.95
N ILE B 160 -1.33 -19.44 -2.58
CA ILE B 160 -1.10 -20.31 -3.75
C ILE B 160 -1.13 -21.80 -3.32
N ASP B 161 -1.64 -22.65 -4.19
CA ASP B 161 -1.96 -24.03 -3.80
C ASP B 161 -0.76 -24.98 -3.96
N GLU B 162 0.15 -24.62 -4.87
CA GLU B 162 1.49 -25.23 -4.97
C GLU B 162 2.45 -24.30 -5.71
N ILE B 163 3.73 -24.47 -5.44
CA ILE B 163 4.78 -23.60 -5.95
C ILE B 163 4.77 -23.45 -7.47
N GLY B 164 4.17 -24.41 -8.18
CA GLY B 164 4.08 -24.36 -9.63
C GLY B 164 3.53 -23.02 -10.08
N GLU B 165 2.52 -22.53 -9.35
CA GLU B 165 1.82 -21.29 -9.69
C GLU B 165 2.77 -20.12 -9.75
N LEU B 166 3.59 -19.96 -8.71
CA LEU B 166 4.55 -18.88 -8.70
C LEU B 166 5.45 -18.99 -9.96
N GLU B 167 6.02 -20.19 -10.19
CA GLU B 167 6.95 -20.39 -11.32
C GLU B 167 6.43 -19.92 -12.68
N ARG B 168 5.17 -20.24 -12.99
CA ARG B 168 4.55 -19.84 -14.26
C ARG B 168 4.36 -18.32 -14.33
N ALA B 169 3.85 -17.73 -13.24
CA ALA B 169 3.60 -16.30 -13.16
C ALA B 169 4.88 -15.49 -13.36
N LEU B 170 6.02 -16.09 -13.02
CA LEU B 170 7.30 -15.38 -12.98
C LEU B 170 8.02 -15.10 -14.32
N VAL B 171 7.44 -15.53 -15.42
CA VAL B 171 8.03 -15.26 -16.72
C VAL B 171 7.19 -14.27 -17.51
N THR B 172 6.02 -13.94 -16.96
CA THR B 172 5.03 -13.13 -17.66
C THR B 172 4.99 -11.77 -16.99
N HIS B 173 5.53 -11.71 -15.77
CA HIS B 173 5.33 -10.53 -14.93
C HIS B 173 6.64 -9.91 -14.36
N SER B 174 6.60 -8.58 -14.13
CA SER B 174 7.78 -7.84 -13.61
C SER B 174 8.04 -8.32 -12.19
N THR B 175 7.37 -7.67 -11.24
CA THR B 175 7.46 -8.09 -9.89
C THR B 175 6.33 -9.07 -9.57
N VAL B 176 6.62 -10.15 -8.85
CA VAL B 176 5.56 -10.99 -8.26
C VAL B 176 5.68 -11.02 -6.73
N VAL B 177 4.57 -10.74 -6.06
CA VAL B 177 4.50 -10.76 -4.58
C VAL B 177 3.65 -11.95 -4.17
N VAL B 178 4.12 -12.76 -3.23
CA VAL B 178 3.31 -13.89 -2.73
C VAL B 178 3.12 -13.71 -1.22
N MET B 179 1.88 -13.63 -0.80
CA MET B 179 1.50 -13.57 0.56
C MET B 179 0.92 -14.98 0.92
N LYS B 180 0.51 -15.27 2.05
CA LYS B 180 0.52 -15.77 3.35
C LYS B 180 1.60 -16.82 3.69
N LEU B 181 2.03 -17.60 2.74
CA LEU B 181 3.29 -18.29 2.76
C LEU B 181 3.47 -19.38 3.75
N SER B 182 2.91 -19.49 4.95
CA SER B 182 2.60 -20.76 5.52
C SER B 182 1.46 -21.43 4.81
N THR B 183 1.64 -21.78 3.50
CA THR B 183 0.78 -22.63 2.67
C THR B 183 1.68 -23.44 1.74
N VAL B 184 2.78 -22.81 1.29
CA VAL B 184 3.90 -23.45 0.58
C VAL B 184 5.18 -23.40 1.41
N ARG B 185 5.05 -23.38 2.74
CA ARG B 185 6.22 -23.26 3.63
C ARG B 185 7.26 -24.39 3.44
N ASP B 186 6.81 -25.51 2.89
CA ASP B 186 7.67 -26.69 2.73
C ASP B 186 8.32 -26.80 1.33
N GLU B 187 7.79 -26.01 0.40
CA GLU B 187 8.26 -25.98 -0.98
C GLU B 187 9.22 -24.81 -1.29
N LEU B 188 9.36 -23.89 -0.34
CA LEU B 188 9.98 -22.58 -0.59
C LEU B 188 11.47 -22.57 -0.98
N VAL B 189 12.33 -23.26 -0.20
CA VAL B 189 13.78 -23.30 -0.45
C VAL B 189 14.13 -23.97 -1.78
N SER B 190 13.57 -25.15 -2.04
CA SER B 190 13.72 -25.78 -3.35
C SER B 190 13.26 -24.81 -4.47
N PHE B 191 12.16 -24.09 -4.26
CA PHE B 191 11.76 -23.12 -5.27
C PHE B 191 12.80 -22.03 -5.43
N LEU B 192 13.38 -21.52 -4.33
CA LEU B 192 14.34 -20.41 -4.42
C LEU B 192 15.73 -20.65 -4.93
N GLU B 193 15.99 -22.05 -5.11
CA GLU B 193 17.20 -22.62 -5.64
C GLU B 193 17.26 -22.74 -7.18
N ARG B 194 16.32 -23.47 -7.82
CA ARG B 194 15.70 -23.28 -9.15
C ARG B 194 15.08 -21.85 -9.06
N TYR B 195 14.59 -21.22 -10.01
CA TYR B 195 14.51 -19.71 -9.99
C TYR B 195 15.91 -19.34 -9.39
N ALA B 196 16.76 -18.82 -10.22
CA ALA B 196 18.12 -18.63 -9.72
C ALA B 196 18.28 -17.15 -9.82
N LYS B 197 17.30 -16.47 -9.24
CA LYS B 197 17.04 -15.08 -9.52
C LYS B 197 16.74 -14.40 -8.19
N PRO B 198 16.99 -13.07 -8.12
CA PRO B 198 16.85 -12.25 -6.91
C PRO B 198 15.43 -12.29 -6.30
N PHE B 199 15.36 -12.34 -4.97
CA PHE B 199 14.10 -12.41 -4.21
C PHE B 199 14.30 -11.66 -2.93
N LEU B 200 13.19 -11.27 -2.30
CA LEU B 200 13.20 -10.75 -0.95
C LEU B 200 12.23 -11.60 -0.15
N TYR B 201 12.70 -12.15 0.95
CA TYR B 201 11.84 -12.78 1.91
C TYR B 201 11.71 -11.82 3.08
N ALA B 202 10.48 -11.51 3.47
CA ALA B 202 10.24 -10.51 4.52
C ALA B 202 9.22 -11.00 5.54
N GLU B 203 9.65 -11.07 6.79
CA GLU B 203 8.87 -11.66 7.82
C GLU B 203 8.71 -10.62 8.92
N LYS B 204 7.49 -10.50 9.46
CA LYS B 204 7.21 -9.60 10.60
C LYS B 204 7.78 -8.17 10.38
N VAL B 205 7.64 -7.67 9.17
CA VAL B 205 8.12 -6.32 8.81
C VAL B 205 7.63 -5.22 9.76
N GLY B 206 8.58 -4.53 10.39
CA GLY B 206 8.25 -3.44 11.31
C GLY B 206 7.88 -3.88 12.71
N MET B 207 7.80 -5.19 12.92
CA MET B 207 7.46 -5.75 14.24
C MET B 207 8.72 -6.20 14.96
N ALA B 208 8.59 -6.52 16.25
CA ALA B 208 9.69 -6.97 17.12
C ALA B 208 10.58 -8.07 16.49
N GLY B 209 9.95 -9.09 15.94
CA GLY B 209 10.71 -10.18 15.31
C GLY B 209 11.00 -10.06 13.80
N GLU B 210 11.04 -8.85 13.27
CA GLU B 210 11.35 -8.67 11.84
C GLU B 210 12.52 -9.49 11.37
N PHE B 211 12.38 -10.12 10.22
CA PHE B 211 13.47 -10.83 9.56
C PHE B 211 13.31 -10.67 8.07
N ILE B 212 14.35 -10.12 7.42
CA ILE B 212 14.32 -9.87 6.01
C ILE B 212 15.61 -10.39 5.47
N THR B 213 15.54 -11.09 4.34
CA THR B 213 16.74 -11.66 3.75
C THR B 213 16.60 -11.87 2.25
N MET B 214 17.75 -11.91 1.59
CA MET B 214 17.82 -12.25 0.19
C MET B 214 18.73 -13.46 -0.02
N GLU B 215 19.04 -14.16 1.07
CA GLU B 215 19.95 -15.32 1.03
C GLU B 215 19.19 -16.60 1.27
N VAL B 216 19.22 -17.48 0.27
CA VAL B 216 18.52 -18.78 0.38
C VAL B 216 19.03 -19.59 1.57
N ASP B 217 20.34 -19.52 1.84
CA ASP B 217 21.00 -20.18 2.98
C ASP B 217 20.35 -19.85 4.31
N ALA B 218 19.99 -18.57 4.46
CA ALA B 218 19.33 -18.04 5.65
C ALA B 218 17.89 -18.57 5.83
N LEU B 219 17.36 -19.25 4.83
CA LEU B 219 16.01 -19.78 4.86
C LEU B 219 15.94 -21.29 4.97
N ARG B 220 17.08 -21.94 4.75
CA ARG B 220 17.11 -23.42 4.75
C ARG B 220 16.48 -24.09 5.99
N SER B 221 16.71 -23.52 7.17
CA SER B 221 16.20 -24.11 8.42
C SER B 221 15.22 -23.21 9.12
N ARG B 222 14.70 -22.22 8.40
CA ARG B 222 13.81 -21.26 8.99
C ARG B 222 12.35 -21.72 8.91
N ALA B 223 11.64 -21.57 10.01
CA ALA B 223 10.19 -21.79 10.05
C ALA B 223 9.54 -20.59 9.35
N ILE B 224 8.62 -20.88 8.41
CA ILE B 224 8.01 -19.83 7.56
C ILE B 224 6.63 -19.54 8.14
N PRO B 225 6.48 -18.43 8.89
CA PRO B 225 5.22 -18.24 9.61
C PRO B 225 4.19 -17.46 8.76
N TYR B 226 2.98 -17.29 9.30
CA TYR B 226 1.85 -16.62 8.64
C TYR B 226 2.25 -15.19 8.20
N PHE B 227 2.89 -14.46 9.11
CA PHE B 227 3.27 -13.08 8.81
C PHE B 227 4.59 -12.95 8.02
N SER B 228 4.60 -13.50 6.82
CA SER B 228 5.76 -13.45 5.90
C SER B 228 5.29 -13.38 4.47
N LEU B 229 6.13 -12.85 3.61
CA LEU B 229 5.79 -12.69 2.21
C LEU B 229 7.08 -12.78 1.42
N LEU B 230 6.92 -12.94 0.12
CA LEU B 230 8.05 -13.10 -0.74
C LEU B 230 7.86 -12.08 -1.87
N VAL B 231 8.97 -11.47 -2.30
CA VAL B 231 9.03 -10.62 -3.50
C VAL B 231 10.09 -11.20 -4.45
N CYS B 232 9.67 -11.53 -5.67
CA CYS B 232 10.61 -11.96 -6.71
C CYS B 232 10.61 -10.84 -7.72
N SER B 233 11.78 -10.24 -7.96
CA SER B 233 11.86 -9.05 -8.82
C SER B 233 13.35 -8.81 -9.14
N PRO B 234 13.69 -8.36 -10.38
CA PRO B 234 15.08 -7.95 -10.63
C PRO B 234 15.41 -6.72 -9.76
N HIS B 235 14.40 -6.03 -9.27
CA HIS B 235 14.64 -4.83 -8.45
C HIS B 235 15.24 -5.19 -7.10
N CYS B 236 15.17 -6.47 -6.72
CA CYS B 236 15.87 -6.95 -5.51
C CYS B 236 17.40 -6.69 -5.55
N ARG B 237 17.97 -6.65 -6.77
CA ARG B 237 19.40 -6.28 -6.96
C ARG B 237 19.78 -4.88 -6.44
N GLN B 238 18.77 -4.03 -6.16
CA GLN B 238 18.96 -2.64 -5.70
C GLN B 238 18.95 -2.56 -4.18
N SER B 239 18.55 -3.64 -3.54
CA SER B 239 18.43 -3.65 -2.11
C SER B 239 19.79 -3.56 -1.43
N THR B 240 19.78 -3.00 -0.22
CA THR B 240 20.95 -2.94 0.66
C THR B 240 21.35 -4.41 1.02
N LEU B 241 20.40 -5.33 0.85
CA LEU B 241 20.62 -6.72 1.22
C LEU B 241 21.26 -7.50 0.10
N SER B 242 21.34 -6.91 -1.09
CA SER B 242 21.96 -7.54 -2.25
C SER B 242 23.47 -7.21 -2.41
N PRO B 243 24.28 -8.25 -2.71
CA PRO B 243 25.72 -8.04 -3.00
C PRO B 243 25.98 -7.06 -4.15
N PHE B 244 25.00 -6.91 -5.04
CA PHE B 244 25.08 -6.02 -6.24
C PHE B 244 24.89 -4.53 -5.91
N ALA B 245 24.43 -4.30 -4.69
CA ALA B 245 24.77 -3.13 -3.87
C ALA B 245 23.52 -2.39 -3.68
N SAH C . 4.02 6.48 -6.05
CA SAH C . 2.58 6.65 -6.38
CB SAH C . 2.47 6.36 -7.88
CG SAH C . 3.15 7.38 -8.78
SD SAH C . 3.08 6.93 -10.55
C SAH C . 1.74 5.65 -5.60
O SAH C . 2.30 4.97 -4.71
OXT SAH C . 0.52 5.51 -5.84
C5' SAH C . 1.63 7.96 -10.91
C4' SAH C . 0.23 7.36 -11.02
O4' SAH C . -0.36 7.18 -9.77
C3' SAH C . -0.79 8.31 -11.65
O3' SAH C . -0.64 8.26 -13.02
C2' SAH C . -2.14 7.81 -11.19
O2' SAH C . -2.51 6.61 -11.83
C1' SAH C . -1.75 7.35 -9.77
N9 SAH C . -1.99 8.29 -8.66
C8 SAH C . -1.01 8.80 -7.82
N7 SAH C . -1.63 9.53 -6.91
C5 SAH C . -2.98 9.50 -7.16
C6 SAH C . -4.10 10.08 -6.60
N6 SAH C . -4.07 10.85 -5.51
N1 SAH C . -5.36 9.81 -7.16
C2 SAH C . -5.54 9.02 -8.27
N3 SAH C . -4.44 8.51 -8.85
C4 SAH C . -3.20 8.70 -8.28
N SAH D . -4.16 -6.62 5.04
CA SAH D . -2.70 -7.04 5.07
CB SAH D . -2.69 -8.43 4.43
CG SAH D . -3.52 -9.44 5.28
SD SAH D . -3.44 -11.11 4.55
C SAH D . -1.85 -6.10 4.20
O SAH D . -2.31 -5.05 3.79
OXT SAH D . -0.71 -6.38 3.82
C5' SAH D . -2.11 -11.72 5.64
C4' SAH D . -0.76 -11.78 4.89
O4' SAH D . -0.19 -10.47 4.85
C3' SAH D . 0.31 -12.63 5.61
O3' SAH D . 0.22 -13.96 5.28
C2' SAH D . 1.61 -12.06 5.04
O2' SAH D . 1.92 -12.52 3.75
C1' SAH D . 1.22 -10.57 4.93
N9 SAH D . 1.66 -9.67 6.05
C8 SAH D . 0.87 -8.84 6.79
N7 SAH D . 1.65 -8.15 7.63
C5 SAH D . 2.94 -8.55 7.43
C6 SAH D . 4.18 -8.16 7.95
N6 SAH D . 4.31 -7.24 8.88
N1 SAH D . 5.28 -8.75 7.50
C2 SAH D . 5.31 -9.72 6.56
N3 SAH D . 4.12 -10.09 6.01
C4 SAH D . 2.95 -9.50 6.46
#